data_7HKQ
#
_entry.id   7HKQ
#
_cell.length_a   82.493
_cell.length_b   115.520
_cell.length_c   145.412
_cell.angle_alpha   90.00
_cell.angle_beta   90.00
_cell.angle_gamma   90.00
#
_symmetry.space_group_name_H-M   'I 2 2 2'
#
loop_
_entity.id
_entity.type
_entity.pdbx_description
1 polymer 'Genome polyprotein'
2 non-polymer 'ZINC ION'
3 non-polymer '2-(N-MORPHOLINO)-ETHANESULFONIC ACID'
4 non-polymer 'DIMETHYL SULFOXIDE'
5 non-polymer DI(HYDROXYETHYL)ETHER
6 non-polymer 'PHOSPHATE ION'
7 non-polymer N-[(1-hydroxycyclopentyl)methyl]acetamide
8 water water
#
_entity_poly.entity_id   1
_entity_poly.type   'polypeptide(L)'
_entity_poly.pdbx_seq_one_letter_code
;GPGIESETPNLDIIGKRIEKIKQEHETSWHYDQDHPYKTWAYHGSYETKQTGSASSMVNGVVRLLTKPWDIIPMVTQMAM
TDTTPFGQQRVFKEKVDTRTQEPKEGTKKLMKITAEWLWKELGKKKTPRMCTREEFTRKVRSNAALGAIFTDENKWKSAR
EAVEDSGFWELVDKERNLHLEGKCETCVYNMMGKREKKLGEFGKAKGSRAIWYMWLGARFLEFEALGFLNEDHWFSRENS
LSGVEGEGLHKLGYILRDVSKKEGGAMYADDTAGWDTRITLEDLKNEEMVTNHMEGEHKKLAEAIFKLTYQNKVVRVQRP
TPRGTVMDIISRRDQRGSGQVVTYGLNTFTNMEAQLIRQMEGEGVFKSIQHLTVTEEIAVKNWLVRVGRERLSRMAISGD
DCVVKPLDDRFASALTALNDMGKVRKDIQQWEPSRGWNDWTQVPFCSHHFHELIMKDGRVLVVPCRNQDELIGRARISQG
AGWSLRETACLGKSYAQMWSLMYFHRRDLRLAANAICSAVPSHWVPTSRTTWSIHATHEWMTTEDMLTVWNRVWIQENPW
MEDKTPVESWEEIPYLGKREDQWCGSLIGLTSRATWAKNIQTAINQVRSLIGNEEYTDYMPSMKRFRREEEEAGVLW
;
_entity_poly.pdbx_strand_id   A
#
loop_
_chem_comp.id
_chem_comp.type
_chem_comp.name
_chem_comp.formula
A1BDH non-polymer N-[(1-hydroxycyclopentyl)methyl]acetamide 'C8 H15 N O2'
DMS non-polymer 'DIMETHYL SULFOXIDE' 'C2 H6 O S'
MES non-polymer '2-(N-MORPHOLINO)-ETHANESULFONIC ACID' 'C6 H13 N O4 S'
PEG non-polymer DI(HYDROXYETHYL)ETHER 'C4 H10 O3'
PO4 non-polymer 'PHOSPHATE ION' 'O4 P -3'
ZN non-polymer 'ZINC ION' 'Zn 2'
#
# COMPACT_ATOMS: atom_id res chain seq x y z
N ASN A 10 11.75 16.68 -23.66
CA ASN A 10 12.75 15.59 -23.91
C ASN A 10 14.14 16.06 -23.44
N LEU A 11 15.13 16.17 -24.33
CA LEU A 11 16.55 15.88 -24.01
C LEU A 11 17.29 17.08 -23.41
N ASP A 12 16.68 18.26 -23.33
CA ASP A 12 17.26 19.38 -22.55
C ASP A 12 17.09 19.06 -21.05
N ILE A 13 15.88 18.69 -20.65
CA ILE A 13 15.44 18.47 -19.23
C ILE A 13 16.23 17.32 -18.59
N ILE A 14 16.64 16.32 -19.38
CA ILE A 14 17.31 15.09 -18.87
C ILE A 14 18.82 15.15 -19.11
N GLY A 15 19.26 15.86 -20.16
CA GLY A 15 20.67 15.99 -20.58
C GLY A 15 21.61 16.18 -19.41
N LYS A 16 21.26 17.09 -18.49
CA LYS A 16 22.12 17.49 -17.35
C LYS A 16 22.38 16.27 -16.46
N ARG A 17 21.30 15.58 -16.04
CA ARG A 17 21.36 14.34 -15.21
C ARG A 17 22.27 13.32 -15.87
N ILE A 18 22.21 13.20 -17.20
CA ILE A 18 22.91 12.15 -18.01
C ILE A 18 24.40 12.52 -18.13
N GLU A 19 24.71 13.79 -18.44
CA GLU A 19 26.11 14.30 -18.56
C GLU A 19 26.85 14.09 -17.22
N LYS A 20 26.18 14.32 -16.07
CA LYS A 20 26.79 14.20 -14.71
C LYS A 20 27.15 12.74 -14.41
N ILE A 21 26.37 11.80 -14.95
CA ILE A 21 26.59 10.33 -14.80
C ILE A 21 27.62 9.88 -15.84
N LYS A 22 27.52 10.38 -17.07
CA LYS A 22 28.52 10.08 -18.15
C LYS A 22 29.92 10.35 -17.62
N GLN A 23 30.09 11.43 -16.84
CA GLN A 23 31.40 11.92 -16.33
C GLN A 23 31.80 11.16 -15.07
N GLU A 24 30.87 10.91 -14.14
CA GLU A 24 31.09 10.03 -12.95
C GLU A 24 31.80 8.74 -13.37
N HIS A 25 31.49 8.25 -14.58
CA HIS A 25 32.06 6.99 -15.16
C HIS A 25 32.52 7.25 -16.61
N GLU A 26 33.33 8.30 -16.83
CA GLU A 26 33.86 8.73 -18.16
C GLU A 26 34.97 7.76 -18.58
N THR A 27 35.46 6.94 -17.66
CA THR A 27 36.42 5.83 -17.92
C THR A 27 35.70 4.67 -18.63
N SER A 28 34.36 4.57 -18.55
CA SER A 28 33.55 3.37 -18.96
C SER A 28 32.67 3.60 -20.21
N TRP A 29 32.13 4.81 -20.41
CA TRP A 29 31.00 5.11 -21.34
C TRP A 29 31.10 4.33 -22.67
N HIS A 30 29.95 3.87 -23.19
CA HIS A 30 29.79 3.22 -24.52
C HIS A 30 28.31 3.17 -24.92
N TYR A 31 27.99 3.50 -26.19
CA TYR A 31 26.62 3.33 -26.77
C TYR A 31 26.51 1.92 -27.37
N ASP A 32 26.00 0.97 -26.58
CA ASP A 32 25.93 -0.48 -26.93
C ASP A 32 24.80 -0.70 -27.94
N GLN A 33 24.96 -1.72 -28.81
CA GLN A 33 24.13 -1.95 -30.02
C GLN A 33 23.10 -3.06 -29.77
N ASP A 34 23.25 -3.84 -28.71
CA ASP A 34 22.31 -4.94 -28.33
C ASP A 34 21.58 -4.54 -27.04
N HIS A 35 20.97 -3.35 -27.02
CA HIS A 35 20.14 -2.83 -25.90
C HIS A 35 18.69 -3.28 -26.10
N PRO A 36 18.07 -3.95 -25.11
CA PRO A 36 16.73 -4.53 -25.27
C PRO A 36 15.55 -3.56 -25.14
N TYR A 37 15.81 -2.24 -25.20
CA TYR A 37 14.79 -1.18 -24.96
C TYR A 37 14.26 -0.71 -26.31
N LYS A 38 12.93 -0.76 -26.47
CA LYS A 38 12.20 -0.13 -27.60
C LYS A 38 11.40 1.06 -27.05
N THR A 39 10.64 0.84 -25.97
CA THR A 39 9.76 1.86 -25.31
C THR A 39 10.63 2.86 -24.54
N TRP A 40 11.57 2.37 -23.73
CA TRP A 40 12.57 3.19 -22.99
C TRP A 40 13.61 3.74 -23.97
N ALA A 41 13.76 5.07 -24.03
CA ALA A 41 14.89 5.77 -24.70
C ALA A 41 16.19 5.33 -24.00
N TYR A 42 17.16 4.86 -24.79
CA TYR A 42 18.47 4.33 -24.31
C TYR A 42 19.59 5.32 -24.64
N HIS A 43 20.40 5.66 -23.63
CA HIS A 43 21.42 6.72 -23.82
C HIS A 43 22.85 6.22 -23.63
N GLY A 44 23.05 5.07 -22.98
CA GLY A 44 24.41 4.50 -22.83
C GLY A 44 24.56 3.66 -21.58
N SER A 45 25.79 3.21 -21.28
CA SER A 45 26.11 2.26 -20.18
C SER A 45 27.55 2.47 -19.67
N TYR A 46 27.80 2.13 -18.39
CA TYR A 46 29.14 2.04 -17.74
C TYR A 46 29.32 0.63 -17.17
N GLU A 47 30.06 0.43 -16.06
CA GLU A 47 30.40 -0.91 -15.49
C GLU A 47 30.03 -0.98 -14.00
N THR A 48 29.49 -2.14 -13.56
CA THR A 48 29.08 -2.45 -12.15
C THR A 48 28.97 -3.98 -11.97
N LYS A 49 28.72 -4.47 -10.74
CA LYS A 49 28.67 -5.94 -10.40
C LYS A 49 28.04 -6.16 -9.01
N GLN A 50 26.78 -6.61 -8.93
CA GLN A 50 26.05 -6.82 -7.65
C GLN A 50 24.70 -7.51 -7.87
N THR A 51 23.95 -7.77 -6.78
CA THR A 51 22.63 -8.47 -6.73
C THR A 51 21.91 -8.35 -8.08
N ALA A 54 18.47 -9.40 -2.78
CA ALA A 54 17.70 -9.24 -1.51
C ALA A 54 16.68 -10.39 -1.37
N SER A 55 17.11 -11.54 -0.84
CA SER A 55 16.26 -12.74 -0.64
C SER A 55 15.67 -12.71 0.79
N SER A 56 14.49 -13.32 0.96
CA SER A 56 13.68 -13.30 2.21
C SER A 56 14.14 -14.42 3.15
N MET A 57 14.44 -14.09 4.41
CA MET A 57 14.93 -15.03 5.46
C MET A 57 13.75 -15.50 6.33
N VAL A 58 13.90 -16.64 7.00
CA VAL A 58 12.81 -17.23 7.84
C VAL A 58 12.97 -16.80 9.31
N ASN A 59 11.86 -16.42 9.92
CA ASN A 59 11.72 -16.07 11.35
C ASN A 59 11.59 -17.36 12.14
N GLY A 60 12.65 -17.74 12.87
CA GLY A 60 12.69 -19.06 13.55
C GLY A 60 11.77 -19.12 14.76
N VAL A 61 11.53 -17.99 15.40
CA VAL A 61 10.60 -17.95 16.56
C VAL A 61 9.20 -18.33 16.03
N VAL A 62 8.69 -17.63 15.01
CA VAL A 62 7.33 -17.86 14.46
C VAL A 62 7.24 -19.29 13.92
N ARG A 63 8.27 -19.76 13.22
CA ARG A 63 8.26 -21.11 12.60
C ARG A 63 8.19 -22.18 13.70
N LEU A 64 8.97 -22.08 14.76
CA LEU A 64 8.99 -23.16 15.80
C LEU A 64 7.62 -23.27 16.47
N LEU A 65 6.84 -22.18 16.50
CA LEU A 65 5.51 -22.12 17.18
C LEU A 65 4.37 -22.31 16.17
N THR A 66 4.68 -22.60 14.91
CA THR A 66 3.67 -22.95 13.87
C THR A 66 4.16 -24.21 13.13
N LYS A 67 4.26 -25.33 13.83
CA LYS A 67 4.91 -26.58 13.33
C LYS A 67 4.01 -27.32 12.35
N PRO A 68 2.67 -27.42 12.56
CA PRO A 68 1.80 -28.09 11.60
C PRO A 68 1.90 -27.47 10.19
N TRP A 69 2.33 -26.21 10.09
CA TRP A 69 2.37 -25.52 8.78
C TRP A 69 3.72 -25.80 8.06
N ASP A 70 4.59 -26.61 8.65
CA ASP A 70 5.91 -26.97 8.04
C ASP A 70 5.73 -27.89 6.83
N ILE A 71 4.52 -28.44 6.63
CA ILE A 71 4.21 -29.47 5.57
C ILE A 71 3.13 -28.94 4.61
N ILE A 72 2.69 -27.68 4.78
CA ILE A 72 1.68 -27.04 3.91
C ILE A 72 2.42 -26.25 2.83
N PRO A 73 2.47 -26.70 1.56
CA PRO A 73 3.22 -25.99 0.52
C PRO A 73 2.81 -24.52 0.32
N MET A 74 1.55 -24.15 0.52
CA MET A 74 1.13 -22.72 0.39
C MET A 74 1.97 -21.86 1.34
N VAL A 75 2.26 -22.35 2.55
CA VAL A 75 3.06 -21.64 3.60
C VAL A 75 4.57 -21.76 3.29
N THR A 76 5.10 -22.98 3.12
CA THR A 76 6.55 -23.23 2.89
C THR A 76 7.03 -22.51 1.62
N GLN A 77 6.22 -22.51 0.55
CA GLN A 77 6.61 -21.97 -0.79
C GLN A 77 6.86 -20.47 -0.69
N MET A 78 6.04 -19.72 0.05
CA MET A 78 6.18 -18.23 0.17
C MET A 78 7.61 -17.87 0.56
N ALA A 79 8.29 -18.75 1.29
CA ALA A 79 9.62 -18.47 1.90
C ALA A 79 10.73 -18.45 0.84
N MET A 80 10.58 -19.19 -0.26
CA MET A 80 11.65 -19.35 -1.29
C MET A 80 11.64 -18.15 -2.25
N THR A 81 12.62 -18.07 -3.16
CA THR A 81 12.66 -17.13 -4.30
C THR A 81 13.75 -16.08 -4.14
N LYS A 93 8.89 -7.38 -15.67
CA LYS A 93 9.87 -6.47 -16.32
C LYS A 93 9.61 -6.49 -17.84
N GLU A 94 8.75 -7.41 -18.30
CA GLU A 94 8.23 -7.51 -19.68
C GLU A 94 6.79 -6.98 -19.74
N LYS A 95 6.39 -6.16 -18.75
CA LYS A 95 5.19 -5.28 -18.80
C LYS A 95 5.62 -3.82 -18.66
N VAL A 96 6.80 -3.55 -18.07
CA VAL A 96 7.39 -2.19 -17.94
C VAL A 96 7.94 -1.76 -19.31
N ASP A 97 8.14 -2.70 -20.24
CA ASP A 97 8.50 -2.42 -21.66
C ASP A 97 7.22 -2.50 -22.51
N THR A 98 6.13 -1.86 -22.06
CA THR A 98 4.87 -1.63 -22.84
C THR A 98 4.64 -0.11 -22.94
N ARG A 99 3.62 0.32 -23.70
CA ARG A 99 3.32 1.75 -24.00
C ARG A 99 1.83 1.93 -24.28
N THR A 100 1.11 2.65 -23.41
CA THR A 100 -0.34 2.94 -23.56
C THR A 100 -0.51 4.07 -24.59
N GLN A 101 -1.29 3.81 -25.64
CA GLN A 101 -1.74 4.81 -26.66
C GLN A 101 -2.32 6.02 -25.92
N GLU A 102 -1.95 7.25 -26.31
CA GLU A 102 -2.58 8.48 -25.78
C GLU A 102 -4.08 8.34 -26.05
N PRO A 103 -4.95 8.57 -25.03
CA PRO A 103 -6.40 8.44 -25.20
C PRO A 103 -6.99 9.24 -26.36
N LYS A 104 -8.26 8.96 -26.68
CA LYS A 104 -9.11 9.81 -27.54
C LYS A 104 -9.25 11.19 -26.89
N GLU A 105 -9.70 12.18 -27.65
CA GLU A 105 -9.88 13.60 -27.23
C GLU A 105 -10.96 13.68 -26.15
N GLY A 106 -12.12 13.08 -26.42
CA GLY A 106 -13.28 13.10 -25.51
C GLY A 106 -12.93 12.53 -24.15
N THR A 107 -12.01 11.56 -24.12
CA THR A 107 -11.47 10.93 -22.88
C THR A 107 -10.58 11.94 -22.14
N LYS A 108 -9.57 12.48 -22.83
CA LYS A 108 -8.71 13.59 -22.31
C LYS A 108 -9.60 14.70 -21.72
N LYS A 109 -10.71 15.07 -22.36
CA LYS A 109 -11.60 16.15 -21.85
C LYS A 109 -12.26 15.70 -20.54
N LEU A 110 -12.84 14.49 -20.53
CA LEU A 110 -13.50 13.86 -19.37
C LEU A 110 -12.51 13.82 -18.19
N MET A 111 -11.28 13.34 -18.43
CA MET A 111 -10.24 13.18 -17.39
C MET A 111 -9.83 14.57 -16.86
N LYS A 112 -9.57 15.53 -17.75
CA LYS A 112 -9.19 16.91 -17.36
C LYS A 112 -10.32 17.55 -16.55
N ILE A 113 -11.59 17.37 -16.94
CA ILE A 113 -12.73 18.06 -16.24
C ILE A 113 -12.90 17.45 -14.85
N THR A 114 -12.68 16.14 -14.72
CA THR A 114 -12.94 15.35 -13.48
C THR A 114 -11.82 15.60 -12.47
N ALA A 115 -10.57 15.62 -12.94
CA ALA A 115 -9.36 15.94 -12.14
C ALA A 115 -9.52 17.33 -11.49
N GLU A 116 -9.86 18.32 -12.31
CA GLU A 116 -10.10 19.74 -11.91
C GLU A 116 -11.08 19.79 -10.73
N TRP A 117 -12.27 19.22 -10.92
CA TRP A 117 -13.36 19.16 -9.90
C TRP A 117 -12.88 18.42 -8.64
N LEU A 118 -12.07 17.36 -8.80
CA LEU A 118 -11.71 16.44 -7.71
C LEU A 118 -10.69 17.12 -6.79
N TRP A 119 -9.62 17.68 -7.37
CA TRP A 119 -8.67 18.54 -6.64
C TRP A 119 -9.44 19.61 -5.84
N LYS A 120 -10.29 20.42 -6.48
CA LYS A 120 -11.14 21.42 -5.77
C LYS A 120 -11.85 20.79 -4.58
N GLU A 121 -12.48 19.63 -4.77
CA GLU A 121 -13.22 18.89 -3.71
C GLU A 121 -12.25 18.52 -2.57
N LEU A 122 -11.09 17.95 -2.92
CA LEU A 122 -10.10 17.45 -1.92
C LEU A 122 -9.46 18.61 -1.16
N GLY A 123 -9.38 19.80 -1.76
CA GLY A 123 -8.72 21.00 -1.19
C GLY A 123 -9.72 21.93 -0.49
N LYS A 124 -11.03 21.62 -0.54
CA LYS A 124 -12.10 22.44 0.08
C LYS A 124 -11.80 22.68 1.57
N LYS A 125 -11.21 21.70 2.26
CA LYS A 125 -10.93 21.76 3.70
C LYS A 125 -9.52 21.27 3.99
N LYS A 126 -8.59 21.41 3.04
CA LYS A 126 -7.15 21.16 3.28
C LYS A 126 -6.37 22.33 2.69
N THR A 127 -5.23 22.64 3.30
CA THR A 127 -4.25 23.64 2.81
C THR A 127 -3.00 22.89 2.38
N PRO A 128 -2.63 22.91 1.09
CA PRO A 128 -1.35 22.34 0.66
C PRO A 128 -0.23 23.09 1.38
N ARG A 129 0.83 22.38 1.77
CA ARG A 129 1.94 23.00 2.54
C ARG A 129 3.21 22.16 2.37
N MET A 130 4.36 22.82 2.55
CA MET A 130 5.69 22.20 2.45
C MET A 130 5.92 21.34 3.69
N CYS A 131 6.36 20.10 3.51
CA CYS A 131 6.84 19.22 4.61
C CYS A 131 8.31 19.59 4.95
N THR A 132 8.71 19.39 6.21
CA THR A 132 9.94 19.98 6.81
C THR A 132 11.06 18.94 6.91
N ARG A 133 12.31 19.41 6.87
CA ARG A 133 13.53 18.66 7.26
C ARG A 133 13.28 17.90 8.58
N GLU A 134 12.66 18.57 9.55
CA GLU A 134 12.46 18.07 10.93
C GLU A 134 11.44 16.92 10.92
N GLU A 135 10.46 16.97 10.02
CA GLU A 135 9.43 15.90 9.81
C GLU A 135 10.05 14.67 9.15
N PHE A 136 10.94 14.90 8.17
CA PHE A 136 11.65 13.86 7.39
C PHE A 136 12.76 13.22 8.25
N THR A 137 13.38 14.03 9.13
CA THR A 137 14.45 13.61 10.08
C THR A 137 13.87 12.59 11.05
N ARG A 138 12.75 12.93 11.69
CA ARG A 138 12.05 12.08 12.68
C ARG A 138 11.50 10.82 11.99
N LYS A 139 11.15 10.91 10.71
CA LYS A 139 10.55 9.80 9.92
C LYS A 139 11.55 8.64 9.83
N VAL A 140 12.80 8.93 9.43
CA VAL A 140 13.86 7.91 9.18
C VAL A 140 14.39 7.38 10.52
N ARG A 141 14.28 8.18 11.60
CA ARG A 141 14.79 7.81 12.95
C ARG A 141 13.86 6.76 13.58
N SER A 142 12.54 6.90 13.42
CA SER A 142 11.54 5.91 13.92
C SER A 142 11.38 4.76 12.91
N ASN A 143 12.24 4.73 11.89
CA ASN A 143 12.40 3.63 10.90
C ASN A 143 11.09 3.39 10.15
N ALA A 144 10.62 4.41 9.43
CA ALA A 144 9.66 4.25 8.30
C ALA A 144 10.49 3.81 7.08
N ALA A 145 9.83 3.19 6.10
CA ALA A 145 10.43 2.82 4.80
C ALA A 145 10.16 3.96 3.81
N LEU A 146 11.24 4.60 3.30
CA LEU A 146 11.18 5.65 2.25
C LEU A 146 11.91 5.17 1.00
N GLY A 147 12.54 3.99 1.04
CA GLY A 147 13.19 3.32 -0.10
C GLY A 147 14.20 4.22 -0.80
N ALA A 148 15.38 4.40 -0.20
CA ALA A 148 16.54 5.12 -0.76
C ALA A 148 17.76 4.18 -0.85
N ILE A 149 18.90 4.66 -1.33
CA ILE A 149 20.16 3.88 -1.49
C ILE A 149 21.13 4.23 -0.35
N PHE A 150 22.01 3.29 0.02
CA PHE A 150 22.96 3.38 1.17
C PHE A 150 24.08 4.37 0.84
N ASN A 154 27.87 6.04 -2.79
CA ASN A 154 27.38 6.23 -1.40
C ASN A 154 28.45 6.97 -0.58
N LYS A 155 28.07 8.11 0.00
CA LYS A 155 28.93 9.00 0.84
C LYS A 155 28.74 8.62 2.32
N TRP A 156 27.53 8.18 2.70
CA TRP A 156 27.13 7.76 4.08
C TRP A 156 26.83 6.26 4.12
N LYS A 157 26.56 5.74 5.33
CA LYS A 157 26.20 4.33 5.61
C LYS A 157 24.68 4.15 5.42
N SER A 158 23.90 4.42 6.47
CA SER A 158 22.46 4.10 6.59
C SER A 158 21.61 5.32 6.20
N ALA A 159 20.29 5.17 6.22
CA ALA A 159 19.30 6.26 6.14
C ALA A 159 19.56 7.25 7.30
N ARG A 160 19.87 6.72 8.48
CA ARG A 160 20.00 7.48 9.75
C ARG A 160 21.24 8.38 9.73
N GLU A 161 22.30 7.99 9.01
CA GLU A 161 23.63 8.67 9.04
C GLU A 161 23.56 10.06 8.40
N ALA A 162 23.03 10.16 7.17
CA ALA A 162 23.06 11.36 6.32
C ALA A 162 22.20 12.49 6.90
N VAL A 163 21.17 12.15 7.69
CA VAL A 163 20.20 13.10 8.32
C VAL A 163 20.92 13.95 9.37
N GLU A 164 21.77 13.30 10.18
CA GLU A 164 22.64 13.96 11.20
C GLU A 164 23.95 14.35 10.49
N ASP A 165 23.98 15.54 9.87
CA ASP A 165 25.11 16.06 9.05
C ASP A 165 24.58 17.20 8.18
N SER A 166 25.24 18.36 8.20
CA SER A 166 24.80 19.59 7.50
C SER A 166 25.46 19.72 6.12
N GLY A 167 26.39 18.82 5.78
CA GLY A 167 27.03 18.73 4.45
C GLY A 167 26.15 18.01 3.44
N PHE A 168 25.31 17.11 3.92
CA PHE A 168 24.20 16.46 3.17
C PHE A 168 23.25 17.54 2.66
N TRP A 169 22.62 18.26 3.61
CA TRP A 169 21.59 19.29 3.34
C TRP A 169 22.18 20.44 2.51
N GLU A 170 23.50 20.49 2.31
CA GLU A 170 24.14 21.34 1.27
C GLU A 170 23.86 20.70 -0.11
N LEU A 171 24.10 19.39 -0.23
CA LEU A 171 23.82 18.61 -1.47
C LEU A 171 22.33 18.72 -1.80
N VAL A 172 21.46 18.66 -0.78
CA VAL A 172 19.99 18.93 -0.90
C VAL A 172 19.79 20.39 -1.31
N ASP A 173 20.29 21.33 -0.50
CA ASP A 173 20.16 22.79 -0.75
C ASP A 173 20.53 23.09 -2.20
N LYS A 174 21.64 22.52 -2.69
CA LYS A 174 22.14 22.73 -4.07
C LYS A 174 21.01 22.38 -5.05
N GLU A 175 20.50 21.15 -4.97
CA GLU A 175 19.45 20.59 -5.88
C GLU A 175 18.19 21.44 -5.82
N ARG A 176 17.74 21.75 -4.59
CA ARG A 176 16.51 22.57 -4.33
C ARG A 176 16.57 23.85 -5.16
N ASN A 177 17.70 24.57 -5.17
CA ASN A 177 17.87 25.86 -5.89
C ASN A 177 17.88 25.58 -7.40
N LEU A 178 18.49 24.47 -7.80
CA LEU A 178 18.44 23.94 -9.19
C LEU A 178 16.99 23.77 -9.63
N HIS A 179 16.14 23.21 -8.76
CA HIS A 179 14.70 22.95 -9.07
C HIS A 179 13.95 24.28 -9.27
N LEU A 180 14.27 25.29 -8.44
CA LEU A 180 13.66 26.66 -8.51
C LEU A 180 14.10 27.33 -9.82
N GLU A 181 15.33 27.00 -10.27
CA GLU A 181 15.97 27.48 -11.53
C GLU A 181 15.42 26.69 -12.74
N GLY A 182 14.72 25.58 -12.51
CA GLY A 182 13.97 24.83 -13.54
C GLY A 182 14.77 23.70 -14.17
N LYS A 183 15.91 23.34 -13.57
CA LYS A 183 16.80 22.25 -14.02
C LYS A 183 16.84 21.19 -12.91
N CYS A 184 17.64 20.13 -13.08
CA CYS A 184 17.76 18.99 -12.13
C CYS A 184 19.04 18.21 -12.44
N GLU A 185 19.79 17.82 -11.40
CA GLU A 185 21.14 17.22 -11.55
C GLU A 185 21.14 15.77 -11.03
N THR A 186 20.61 15.53 -9.83
CA THR A 186 20.92 14.29 -9.06
C THR A 186 19.68 13.41 -8.87
N CYS A 187 18.52 13.78 -9.42
CA CYS A 187 17.24 13.06 -9.18
C CYS A 187 17.06 11.93 -10.20
N VAL A 188 17.66 10.77 -9.92
CA VAL A 188 17.75 9.59 -10.82
C VAL A 188 17.22 8.35 -10.11
N TYR A 189 16.37 7.60 -10.80
CA TYR A 189 15.77 6.33 -10.32
C TYR A 189 16.74 5.17 -10.51
N ASN A 190 16.92 4.38 -9.46
CA ASN A 190 17.62 3.07 -9.48
C ASN A 190 16.56 1.96 -9.53
N MET A 191 16.55 1.15 -10.60
CA MET A 191 15.65 -0.02 -10.73
C MET A 191 16.38 -1.27 -10.21
N MET A 192 15.63 -2.19 -9.59
CA MET A 192 16.14 -3.44 -8.97
C MET A 192 15.06 -4.51 -9.03
N SER A 208 4.10 -8.48 -10.18
CA SER A 208 3.63 -7.21 -10.77
C SER A 208 4.26 -6.02 -10.03
N ARG A 209 5.59 -6.03 -9.90
CA ARG A 209 6.36 -5.04 -9.10
C ARG A 209 7.71 -4.77 -9.80
N ALA A 210 8.64 -4.10 -9.10
CA ALA A 210 9.98 -3.64 -9.53
C ALA A 210 10.18 -2.20 -9.02
N ILE A 211 10.73 -2.03 -7.81
CA ILE A 211 10.66 -0.77 -7.02
C ILE A 211 11.79 0.17 -7.48
N TRP A 212 11.48 1.47 -7.58
CA TRP A 212 12.37 2.53 -8.11
C TRP A 212 12.89 3.39 -6.95
N TYR A 213 14.07 3.05 -6.43
CA TYR A 213 14.79 3.78 -5.35
C TYR A 213 15.28 5.14 -5.89
N MET A 214 15.59 6.05 -4.96
CA MET A 214 16.24 7.37 -5.24
C MET A 214 17.13 7.73 -4.06
N TRP A 215 18.29 8.35 -4.29
CA TRP A 215 19.20 8.77 -3.18
C TRP A 215 18.40 9.68 -2.24
N LEU A 216 18.64 9.56 -0.93
CA LEU A 216 17.75 10.11 0.13
C LEU A 216 17.37 11.55 -0.19
N GLY A 217 18.37 12.38 -0.53
CA GLY A 217 18.20 13.80 -0.89
C GLY A 217 17.08 14.00 -1.89
N ALA A 218 17.00 13.12 -2.89
CA ALA A 218 15.95 13.14 -3.94
C ALA A 218 14.59 12.83 -3.29
N ARG A 219 14.56 11.85 -2.37
CA ARG A 219 13.36 11.47 -1.59
C ARG A 219 12.93 12.62 -0.66
N PHE A 220 13.87 13.36 -0.07
CA PHE A 220 13.52 14.54 0.76
C PHE A 220 12.69 15.52 -0.08
N LEU A 221 13.21 15.88 -1.25
CA LEU A 221 12.67 16.99 -2.09
C LEU A 221 11.27 16.61 -2.59
N GLU A 222 11.07 15.35 -2.95
CA GLU A 222 9.75 14.77 -3.27
C GLU A 222 8.81 14.99 -2.09
N PHE A 223 9.28 14.58 -0.89
CA PHE A 223 8.52 14.59 0.38
C PHE A 223 8.20 16.02 0.79
N GLU A 224 9.17 16.93 0.64
CA GLU A 224 9.00 18.38 0.90
C GLU A 224 7.79 18.93 0.12
N ALA A 225 7.59 18.51 -1.13
CA ALA A 225 6.65 19.13 -2.08
C ALA A 225 5.28 18.45 -2.05
N LEU A 226 5.23 17.12 -1.84
CA LEU A 226 4.02 16.28 -2.02
C LEU A 226 3.69 15.46 -0.77
N GLY A 227 4.55 15.46 0.26
CA GLY A 227 4.34 14.71 1.50
C GLY A 227 3.03 15.09 2.18
N PHE A 228 2.54 16.31 1.96
CA PHE A 228 1.29 16.83 2.60
C PHE A 228 0.11 15.94 2.22
N LEU A 229 0.13 15.31 1.04
CA LEU A 229 -0.97 14.43 0.57
C LEU A 229 -1.19 13.31 1.59
N ASN A 230 -0.11 12.65 2.01
CA ASN A 230 -0.18 11.58 3.03
C ASN A 230 -0.29 12.22 4.42
N GLU A 231 0.69 13.06 4.80
CA GLU A 231 0.90 13.58 6.19
C GLU A 231 -0.34 14.29 6.72
N ASP A 232 -1.12 14.95 5.85
CA ASP A 232 -2.35 15.70 6.24
C ASP A 232 -3.60 14.96 5.77
N HIS A 233 -3.48 13.66 5.42
CA HIS A 233 -4.63 12.74 5.26
C HIS A 233 -5.62 13.25 4.20
N TRP A 234 -5.14 13.60 2.99
CA TRP A 234 -5.96 14.17 1.90
C TRP A 234 -6.97 13.12 1.41
N PHE A 235 -6.60 11.84 1.55
CA PHE A 235 -7.38 10.67 1.11
C PHE A 235 -7.96 9.91 2.32
N SER A 236 -8.18 10.58 3.46
CA SER A 236 -9.07 10.06 4.53
C SER A 236 -10.46 9.92 3.95
N ARG A 237 -11.31 9.08 4.54
CA ARG A 237 -12.71 8.95 4.08
C ARG A 237 -13.46 10.24 4.41
N GLU A 238 -13.19 10.88 5.55
CA GLU A 238 -13.86 12.16 5.94
C GLU A 238 -13.64 13.20 4.82
N ASN A 239 -12.45 13.23 4.24
CA ASN A 239 -12.04 14.32 3.31
C ASN A 239 -12.33 13.98 1.84
N SER A 240 -12.14 12.73 1.41
CA SER A 240 -12.24 12.31 -0.02
C SER A 240 -13.49 11.47 -0.32
N LEU A 241 -14.20 10.93 0.68
CA LEU A 241 -15.47 10.14 0.57
C LEU A 241 -15.22 8.75 -0.04
N SER A 242 -14.36 8.64 -1.05
CA SER A 242 -13.92 7.35 -1.66
C SER A 242 -12.73 6.73 -0.89
N GLY A 243 -11.85 7.55 -0.34
CA GLY A 243 -10.56 7.13 0.25
C GLY A 243 -10.73 6.37 1.56
N VAL A 244 -9.68 5.62 1.92
CA VAL A 244 -9.59 4.87 3.20
C VAL A 244 -8.18 5.02 3.80
N GLU A 245 -7.44 6.08 3.46
CA GLU A 245 -6.06 6.27 3.98
C GLU A 245 -6.14 6.51 5.50
N GLY A 246 -5.47 5.64 6.27
CA GLY A 246 -5.38 5.69 7.74
C GLY A 246 -6.66 5.24 8.42
N GLU A 247 -7.50 4.46 7.75
CA GLU A 247 -8.76 3.93 8.35
C GLU A 247 -8.43 2.66 9.14
N GLY A 248 -7.53 1.82 8.63
CA GLY A 248 -7.10 0.63 9.37
C GLY A 248 -7.96 -0.58 9.03
N LEU A 249 -7.33 -1.75 8.98
N LEU A 249 -7.33 -1.76 8.93
CA LEU A 249 -7.92 -3.04 8.58
CA LEU A 249 -7.96 -3.05 8.57
C LEU A 249 -9.20 -3.34 9.39
C LEU A 249 -9.26 -3.23 9.35
N HIS A 250 -9.28 -2.84 10.62
CA HIS A 250 -10.47 -3.00 11.52
C HIS A 250 -11.63 -2.07 11.14
N LYS A 251 -11.46 -1.10 10.23
CA LYS A 251 -12.55 -0.16 9.84
C LYS A 251 -13.01 -0.44 8.40
N LEU A 252 -12.18 -1.07 7.56
CA LEU A 252 -12.46 -1.29 6.12
C LEU A 252 -13.76 -2.10 5.95
N GLY A 253 -13.93 -3.16 6.74
CA GLY A 253 -15.11 -4.04 6.69
C GLY A 253 -16.38 -3.25 6.96
N TYR A 254 -16.34 -2.37 7.95
CA TYR A 254 -17.46 -1.48 8.31
C TYR A 254 -17.74 -0.55 7.13
N ILE A 255 -16.67 -0.09 6.47
CA ILE A 255 -16.80 0.88 5.35
C ILE A 255 -17.47 0.18 4.16
N LEU A 256 -17.04 -1.03 3.77
CA LEU A 256 -17.71 -1.81 2.70
C LEU A 256 -19.17 -2.01 3.09
N ARG A 257 -19.47 -2.29 4.36
CA ARG A 257 -20.87 -2.55 4.79
C ARG A 257 -21.73 -1.29 4.61
N ASP A 258 -21.21 -0.09 4.92
CA ASP A 258 -22.01 1.16 4.79
C ASP A 258 -22.24 1.45 3.31
N VAL A 259 -21.31 1.07 2.44
CA VAL A 259 -21.47 1.22 0.97
C VAL A 259 -22.61 0.29 0.52
N SER A 260 -22.65 -0.93 1.06
CA SER A 260 -23.70 -1.96 0.81
C SER A 260 -25.10 -1.38 1.07
N LYS A 261 -25.25 -0.60 2.14
CA LYS A 261 -26.53 -0.01 2.60
C LYS A 261 -27.12 0.96 1.57
N LYS A 262 -26.34 1.42 0.58
CA LYS A 262 -26.81 2.34 -0.49
C LYS A 262 -27.64 1.54 -1.50
N GLU A 263 -28.76 2.11 -1.96
CA GLU A 263 -29.55 1.50 -3.07
C GLU A 263 -28.62 1.47 -4.28
N GLY A 264 -28.63 0.39 -5.07
CA GLY A 264 -27.84 0.30 -6.32
C GLY A 264 -27.70 -1.14 -6.80
N GLY A 265 -26.74 -1.39 -7.71
CA GLY A 265 -26.48 -2.72 -8.28
C GLY A 265 -25.46 -3.53 -7.46
N ALA A 266 -24.76 -4.43 -8.13
CA ALA A 266 -23.74 -5.32 -7.53
C ALA A 266 -22.57 -4.45 -7.07
N MET A 267 -21.70 -5.01 -6.23
CA MET A 267 -20.40 -4.40 -5.88
C MET A 267 -19.37 -4.89 -6.92
N TYR A 268 -18.81 -3.98 -7.70
CA TYR A 268 -17.73 -4.32 -8.67
C TYR A 268 -16.41 -4.05 -7.96
N ALA A 269 -15.44 -4.92 -8.21
CA ALA A 269 -14.07 -4.85 -7.68
C ALA A 269 -13.12 -5.42 -8.72
N ASP A 270 -12.92 -4.69 -9.81
CA ASP A 270 -12.08 -5.12 -10.96
C ASP A 270 -10.67 -4.63 -10.69
N ASP A 271 -9.73 -5.55 -10.59
CA ASP A 271 -8.29 -5.20 -10.53
C ASP A 271 -7.84 -4.78 -11.93
N THR A 272 -7.04 -3.72 -12.03
CA THR A 272 -6.34 -3.30 -13.27
C THR A 272 -5.09 -4.14 -13.46
N ALA A 273 -4.69 -4.44 -14.70
CA ALA A 273 -3.49 -5.24 -15.04
C ALA A 273 -2.23 -4.35 -15.03
N GLY A 274 -1.41 -4.45 -13.98
CA GLY A 274 -0.09 -3.77 -13.82
C GLY A 274 -0.21 -2.26 -13.83
N TRP A 275 -1.08 -1.71 -12.94
CA TRP A 275 -1.61 -0.32 -12.93
C TRP A 275 -0.51 0.74 -13.04
N ASP A 276 0.65 0.52 -12.41
CA ASP A 276 1.80 1.46 -12.41
C ASP A 276 2.31 1.65 -13.85
N THR A 277 2.30 0.58 -14.66
CA THR A 277 2.78 0.58 -16.07
C THR A 277 1.72 1.15 -17.04
N ARG A 278 0.54 1.53 -16.53
CA ARG A 278 -0.63 2.01 -17.33
C ARG A 278 -0.95 3.48 -17.03
N ILE A 279 -0.06 4.16 -16.29
CA ILE A 279 -0.18 5.61 -15.94
C ILE A 279 0.31 6.41 -17.15
N THR A 280 -0.62 7.08 -17.83
CA THR A 280 -0.35 7.84 -19.08
C THR A 280 0.29 9.18 -18.72
N LEU A 281 0.93 9.83 -19.69
CA LEU A 281 1.39 11.24 -19.54
C LEU A 281 0.21 12.10 -19.06
N GLU A 282 -0.97 11.89 -19.63
CA GLU A 282 -2.21 12.69 -19.36
C GLU A 282 -2.62 12.53 -17.88
N ASP A 283 -2.37 11.35 -17.31
CA ASP A 283 -2.59 11.08 -15.85
C ASP A 283 -1.62 11.94 -15.03
N LEU A 284 -0.33 11.90 -15.35
CA LEU A 284 0.72 12.72 -14.68
C LEU A 284 0.35 14.22 -14.77
N LYS A 285 -0.08 14.71 -15.92
CA LYS A 285 -0.51 16.12 -16.15
C LYS A 285 -1.76 16.44 -15.32
N ASN A 286 -2.72 15.53 -15.21
CA ASN A 286 -3.96 15.77 -14.44
C ASN A 286 -3.65 15.74 -12.94
N GLU A 287 -2.67 14.93 -12.55
CA GLU A 287 -2.17 14.85 -11.16
C GLU A 287 -1.49 16.18 -10.78
N GLU A 288 -0.73 16.74 -11.72
N GLU A 288 -0.71 16.75 -11.70
CA GLU A 288 0.04 18.01 -11.55
CA GLU A 288 0.04 18.02 -11.50
C GLU A 288 -0.89 19.17 -11.20
C GLU A 288 -0.92 19.16 -11.11
N MET A 289 -2.19 19.07 -11.52
CA MET A 289 -3.17 20.17 -11.27
C MET A 289 -3.41 20.44 -9.78
N VAL A 290 -2.82 19.66 -8.87
CA VAL A 290 -2.78 19.99 -7.42
C VAL A 290 -1.93 21.26 -7.21
N THR A 291 -0.92 21.53 -8.06
CA THR A 291 -0.08 22.76 -7.95
C THR A 291 -0.96 24.01 -8.12
N ASN A 292 -2.07 23.93 -8.84
CA ASN A 292 -3.05 25.06 -8.98
C ASN A 292 -3.63 25.43 -7.61
N HIS A 293 -3.41 24.62 -6.58
CA HIS A 293 -3.93 24.91 -5.21
C HIS A 293 -2.80 25.40 -4.31
N MET A 294 -1.62 25.61 -4.88
CA MET A 294 -0.36 25.93 -4.17
C MET A 294 0.01 27.39 -4.42
N GLU A 295 1.12 27.83 -3.82
CA GLU A 295 1.65 29.20 -3.90
C GLU A 295 3.12 29.23 -3.45
N GLY A 296 3.87 30.22 -3.94
CA GLY A 296 5.20 30.58 -3.44
C GLY A 296 6.25 29.56 -3.82
N GLU A 297 7.22 29.34 -2.91
CA GLU A 297 8.34 28.38 -3.05
C GLU A 297 7.76 26.97 -3.26
N HIS A 298 6.69 26.64 -2.52
CA HIS A 298 5.98 25.34 -2.59
C HIS A 298 5.58 25.06 -4.04
N LYS A 299 4.81 25.98 -4.63
CA LYS A 299 4.20 25.79 -5.97
C LYS A 299 5.28 25.48 -7.00
N LYS A 300 6.39 26.21 -6.98
CA LYS A 300 7.55 26.02 -7.92
C LYS A 300 8.12 24.62 -7.69
N LEU A 301 8.32 24.24 -6.43
CA LEU A 301 9.00 22.97 -6.05
C LEU A 301 8.14 21.77 -6.49
N ALA A 302 6.84 21.78 -6.17
CA ALA A 302 5.87 20.75 -6.58
C ALA A 302 5.90 20.63 -8.11
N GLU A 303 5.78 21.77 -8.81
CA GLU A 303 5.87 21.87 -10.29
C GLU A 303 7.17 21.22 -10.78
N ALA A 304 8.27 21.40 -10.06
CA ALA A 304 9.60 20.86 -10.45
C ALA A 304 9.57 19.32 -10.37
N ILE A 305 9.10 18.76 -9.25
CA ILE A 305 8.96 17.29 -9.07
C ILE A 305 8.17 16.75 -10.27
N PHE A 306 6.96 17.25 -10.51
CA PHE A 306 6.04 16.78 -11.58
C PHE A 306 6.73 16.89 -12.96
N LYS A 307 7.26 18.07 -13.31
CA LYS A 307 7.80 18.36 -14.67
C LYS A 307 9.11 17.61 -14.90
N LEU A 308 9.94 17.45 -13.86
CA LEU A 308 11.38 17.06 -14.00
C LEU A 308 11.66 15.63 -13.53
N THR A 309 10.90 15.08 -12.58
CA THR A 309 11.15 13.69 -12.08
C THR A 309 10.06 12.75 -12.58
N TYR A 310 8.79 13.19 -12.59
CA TYR A 310 7.60 12.35 -12.93
C TYR A 310 7.35 12.34 -14.45
N GLN A 311 7.37 13.50 -15.12
CA GLN A 311 7.02 13.63 -16.57
C GLN A 311 8.28 13.53 -17.44
N ASN A 312 9.47 13.37 -16.85
CA ASN A 312 10.74 13.13 -17.60
C ASN A 312 11.69 12.28 -16.75
N LYS A 313 11.44 10.98 -16.64
CA LYS A 313 12.22 10.09 -15.75
C LYS A 313 13.60 9.82 -16.36
N VAL A 314 14.60 9.63 -15.51
CA VAL A 314 15.93 9.03 -15.82
C VAL A 314 16.14 7.89 -14.83
N VAL A 315 16.63 6.73 -15.31
CA VAL A 315 16.72 5.48 -14.50
C VAL A 315 18.00 4.72 -14.86
N ARG A 316 18.71 4.27 -13.82
CA ARG A 316 19.90 3.37 -13.93
C ARG A 316 19.45 1.94 -13.62
N VAL A 317 19.78 0.99 -14.52
CA VAL A 317 19.27 -0.41 -14.52
C VAL A 317 20.44 -1.38 -14.67
N GLN A 318 20.57 -2.33 -13.73
CA GLN A 318 21.52 -3.47 -13.83
C GLN A 318 21.03 -4.44 -14.92
N ARG A 319 21.91 -4.75 -15.89
CA ARG A 319 21.65 -5.74 -16.97
C ARG A 319 22.77 -6.78 -16.91
N PRO A 320 22.53 -7.98 -16.32
CA PRO A 320 23.58 -8.98 -16.11
C PRO A 320 24.43 -9.36 -17.34
N THR A 321 24.02 -8.97 -18.55
CA THR A 321 24.78 -9.14 -19.83
C THR A 321 26.18 -8.55 -19.65
N THR A 325 27.63 -7.86 -15.73
CA THR A 325 26.68 -6.81 -15.24
C THR A 325 27.18 -5.43 -15.68
N VAL A 326 26.26 -4.57 -16.13
CA VAL A 326 26.52 -3.13 -16.45
C VAL A 326 25.40 -2.29 -15.81
N MET A 327 25.40 -0.98 -16.06
CA MET A 327 24.31 -0.06 -15.63
C MET A 327 23.87 0.77 -16.84
N ASP A 328 22.70 0.45 -17.40
CA ASP A 328 22.09 1.15 -18.57
C ASP A 328 21.37 2.42 -18.07
N ILE A 329 21.37 3.47 -18.90
CA ILE A 329 20.79 4.80 -18.56
C ILE A 329 19.68 5.09 -19.56
N ILE A 330 18.45 4.81 -19.15
CA ILE A 330 17.25 4.88 -20.03
C ILE A 330 16.33 5.99 -19.50
N SER A 331 15.52 6.55 -20.39
CA SER A 331 14.55 7.64 -20.10
C SER A 331 13.17 7.23 -20.60
N ARG A 332 12.11 7.85 -20.07
CA ARG A 332 10.74 7.83 -20.65
C ARG A 332 9.90 8.93 -20.00
N ARG A 333 8.78 9.29 -20.64
CA ARG A 333 7.93 10.45 -20.28
C ARG A 333 6.69 10.01 -19.49
N ASP A 334 6.41 8.70 -19.39
CA ASP A 334 5.12 8.18 -18.85
C ASP A 334 5.38 7.05 -17.85
N GLN A 335 4.31 6.40 -17.36
CA GLN A 335 4.32 5.36 -16.30
C GLN A 335 4.53 6.01 -14.93
N ARG A 336 4.27 5.25 -13.87
CA ARG A 336 4.46 5.70 -12.47
C ARG A 336 5.88 5.35 -12.01
N GLY A 337 6.45 6.31 -11.28
CA GLY A 337 7.78 6.29 -10.64
C GLY A 337 7.89 7.49 -9.73
N SER A 338 7.14 7.47 -8.63
CA SER A 338 7.34 8.34 -7.44
C SER A 338 7.92 7.47 -6.34
N GLY A 339 7.89 7.94 -5.09
CA GLY A 339 8.14 7.13 -3.89
C GLY A 339 6.91 6.34 -3.49
N GLN A 340 7.11 5.24 -2.79
CA GLN A 340 6.01 4.32 -2.35
C GLN A 340 4.82 5.15 -1.89
N VAL A 341 5.04 6.16 -1.04
CA VAL A 341 3.93 6.84 -0.29
C VAL A 341 3.22 7.85 -1.20
N VAL A 342 3.93 8.64 -2.01
CA VAL A 342 3.26 9.65 -2.89
C VAL A 342 2.49 8.87 -3.98
N THR A 343 3.14 7.86 -4.58
CA THR A 343 2.51 6.89 -5.51
C THR A 343 1.12 6.48 -5.01
N TYR A 344 1.00 6.10 -3.74
CA TYR A 344 -0.27 5.68 -3.11
C TYR A 344 -1.31 6.78 -3.31
N GLY A 345 -1.00 8.00 -2.90
CA GLY A 345 -1.96 9.12 -2.93
C GLY A 345 -2.33 9.46 -4.36
N LEU A 346 -1.37 9.43 -5.27
CA LEU A 346 -1.59 9.80 -6.69
C LEU A 346 -2.41 8.69 -7.37
N ASN A 347 -2.04 7.43 -7.14
CA ASN A 347 -2.81 6.24 -7.60
C ASN A 347 -4.26 6.35 -7.12
N THR A 348 -4.48 6.61 -5.84
CA THR A 348 -5.84 6.80 -5.26
C THR A 348 -6.58 7.88 -6.06
N PHE A 349 -5.89 8.99 -6.38
CA PHE A 349 -6.47 10.19 -7.06
C PHE A 349 -6.98 9.79 -8.44
N THR A 350 -6.08 9.28 -9.27
CA THR A 350 -6.33 8.86 -10.67
C THR A 350 -7.38 7.74 -10.68
N ASN A 351 -7.35 6.85 -9.68
CA ASN A 351 -8.31 5.72 -9.57
C ASN A 351 -9.70 6.28 -9.26
N MET A 352 -9.83 7.15 -8.27
CA MET A 352 -11.12 7.85 -7.98
C MET A 352 -11.66 8.45 -9.27
N GLU A 353 -10.77 9.03 -10.08
CA GLU A 353 -11.09 9.80 -11.31
C GLU A 353 -11.67 8.84 -12.37
N ALA A 354 -10.96 7.74 -12.65
CA ALA A 354 -11.37 6.72 -13.63
C ALA A 354 -12.74 6.12 -13.26
N GLN A 355 -12.96 5.86 -11.97
CA GLN A 355 -14.18 5.14 -11.50
C GLN A 355 -15.39 6.06 -11.56
N LEU A 356 -15.23 7.34 -11.19
CA LEU A 356 -16.27 8.39 -11.40
C LEU A 356 -16.66 8.42 -12.89
N ILE A 357 -15.69 8.32 -13.78
CA ILE A 357 -15.89 8.44 -15.25
C ILE A 357 -16.60 7.18 -15.75
N ARG A 358 -16.15 6.01 -15.32
CA ARG A 358 -16.84 4.72 -15.56
C ARG A 358 -18.26 4.75 -15.00
N GLN A 359 -18.51 5.45 -13.91
CA GLN A 359 -19.89 5.60 -13.37
C GLN A 359 -20.70 6.51 -14.31
N MET A 360 -20.08 7.59 -14.82
CA MET A 360 -20.75 8.54 -15.76
C MET A 360 -21.20 7.77 -17.01
N GLU A 361 -20.31 6.94 -17.54
CA GLU A 361 -20.55 6.12 -18.75
C GLU A 361 -21.71 5.15 -18.48
N GLY A 362 -21.71 4.50 -17.32
CA GLY A 362 -22.78 3.57 -16.93
C GLY A 362 -24.13 4.25 -16.80
N GLU A 363 -24.15 5.52 -16.39
CA GLU A 363 -25.39 6.30 -16.14
C GLU A 363 -25.75 7.07 -17.42
N GLY A 364 -24.96 6.87 -18.48
CA GLY A 364 -25.14 7.53 -19.79
C GLY A 364 -25.20 9.04 -19.64
N VAL A 365 -24.16 9.62 -19.04
CA VAL A 365 -23.94 11.09 -18.94
C VAL A 365 -23.32 11.54 -20.27
N PHE A 366 -22.42 10.73 -20.84
CA PHE A 366 -21.85 10.91 -22.19
C PHE A 366 -22.06 9.63 -23.01
N LYS A 367 -21.97 9.73 -24.34
CA LYS A 367 -22.34 8.65 -25.29
C LYS A 367 -21.07 8.07 -25.94
N SER A 368 -20.26 8.94 -26.53
CA SER A 368 -19.02 8.59 -27.28
C SER A 368 -17.80 9.20 -26.57
N ILE A 369 -16.63 8.60 -26.72
CA ILE A 369 -15.35 9.13 -26.16
C ILE A 369 -14.45 9.70 -27.26
N GLN A 370 -14.79 9.52 -28.55
CA GLN A 370 -13.90 9.92 -29.66
C GLN A 370 -13.71 11.43 -29.62
N HIS A 371 -14.76 12.15 -29.24
CA HIS A 371 -14.82 13.62 -29.08
C HIS A 371 -16.02 13.93 -28.17
N LEU A 372 -15.87 14.87 -27.24
CA LEU A 372 -16.94 15.29 -26.29
C LEU A 372 -17.66 16.51 -26.86
N THR A 373 -18.99 16.46 -27.02
CA THR A 373 -19.81 17.61 -27.47
C THR A 373 -19.72 18.70 -26.40
N VAL A 374 -20.33 19.86 -26.62
CA VAL A 374 -20.29 21.01 -25.66
C VAL A 374 -21.50 20.92 -24.70
N THR A 375 -22.54 20.17 -25.07
CA THR A 375 -23.68 19.83 -24.17
C THR A 375 -23.30 18.61 -23.32
N GLU A 376 -22.48 17.69 -23.84
CA GLU A 376 -21.97 16.54 -23.06
C GLU A 376 -21.00 17.05 -21.99
N GLU A 377 -20.29 18.15 -22.26
CA GLU A 377 -19.43 18.87 -21.28
C GLU A 377 -20.29 19.40 -20.13
N ILE A 378 -21.35 20.15 -20.43
CA ILE A 378 -22.20 20.80 -19.39
C ILE A 378 -22.96 19.71 -18.63
N ALA A 379 -23.20 18.55 -19.24
CA ALA A 379 -23.94 17.42 -18.62
C ALA A 379 -23.01 16.71 -17.60
N VAL A 380 -21.78 16.40 -18.00
CA VAL A 380 -20.70 15.89 -17.11
C VAL A 380 -20.52 16.87 -15.95
N LYS A 381 -20.30 18.15 -16.27
CA LYS A 381 -20.09 19.24 -15.28
C LYS A 381 -21.27 19.26 -14.31
N ASN A 382 -22.49 19.21 -14.83
CA ASN A 382 -23.73 19.29 -14.00
C ASN A 382 -23.82 18.07 -13.08
N TRP A 383 -23.33 16.94 -13.56
CA TRP A 383 -23.32 15.63 -12.85
C TRP A 383 -22.40 15.75 -11.63
N LEU A 384 -21.13 16.09 -11.87
CA LEU A 384 -20.10 16.29 -10.82
C LEU A 384 -20.66 17.20 -9.73
N VAL A 385 -21.31 18.29 -10.11
CA VAL A 385 -21.85 19.29 -9.15
C VAL A 385 -23.03 18.70 -8.38
N ARG A 386 -23.91 17.97 -9.05
CA ARG A 386 -25.24 17.60 -8.48
C ARG A 386 -25.11 16.29 -7.67
N VAL A 387 -24.29 15.32 -8.11
CA VAL A 387 -24.26 13.95 -7.49
C VAL A 387 -22.83 13.42 -7.30
N GLY A 388 -21.78 14.15 -7.72
CA GLY A 388 -20.37 13.72 -7.71
C GLY A 388 -19.86 13.35 -6.30
N ARG A 389 -20.29 14.05 -5.26
CA ARG A 389 -19.96 13.69 -3.85
C ARG A 389 -20.73 12.42 -3.46
N GLU A 390 -22.01 12.31 -3.79
CA GLU A 390 -22.81 11.08 -3.50
C GLU A 390 -22.12 9.88 -4.16
N ARG A 391 -21.54 10.06 -5.35
CA ARG A 391 -21.00 8.95 -6.18
C ARG A 391 -19.63 8.51 -5.64
N LEU A 392 -18.81 9.46 -5.14
CA LEU A 392 -17.53 9.17 -4.44
C LEU A 392 -17.81 8.30 -3.21
N SER A 393 -18.91 8.52 -2.51
CA SER A 393 -19.28 7.77 -1.28
C SER A 393 -19.76 6.36 -1.61
N ARG A 394 -19.94 6.03 -2.90
CA ARG A 394 -20.31 4.67 -3.34
C ARG A 394 -19.06 3.84 -3.61
N MET A 395 -17.88 4.39 -3.36
CA MET A 395 -16.60 3.72 -3.66
C MET A 395 -15.73 3.62 -2.41
N ALA A 396 -14.89 2.59 -2.37
CA ALA A 396 -13.80 2.43 -1.40
C ALA A 396 -12.52 2.25 -2.23
N ILE A 397 -11.64 3.25 -2.24
CA ILE A 397 -10.46 3.23 -3.15
C ILE A 397 -9.18 3.35 -2.33
N SER A 398 -8.23 2.45 -2.59
CA SER A 398 -6.93 2.34 -1.88
C SER A 398 -5.85 2.11 -2.94
N GLY A 399 -5.26 3.18 -3.44
CA GLY A 399 -4.31 3.11 -4.55
C GLY A 399 -4.97 2.48 -5.77
N ASP A 400 -4.30 1.48 -6.36
CA ASP A 400 -4.73 0.77 -7.60
C ASP A 400 -5.97 -0.09 -7.31
N ASP A 401 -6.39 -0.22 -6.05
CA ASP A 401 -7.50 -1.13 -5.67
C ASP A 401 -8.80 -0.37 -5.42
N CYS A 402 -9.94 -0.94 -5.85
CA CYS A 402 -11.28 -0.33 -5.66
C CYS A 402 -12.39 -1.37 -5.51
N VAL A 403 -13.42 -0.93 -4.80
CA VAL A 403 -14.78 -1.51 -4.78
C VAL A 403 -15.72 -0.37 -5.16
N VAL A 404 -16.62 -0.62 -6.12
CA VAL A 404 -17.65 0.36 -6.56
C VAL A 404 -19.01 -0.33 -6.47
N LYS A 405 -19.94 0.32 -5.80
CA LYS A 405 -21.38 -0.01 -5.85
C LYS A 405 -22.04 1.07 -6.69
N PRO A 406 -22.13 0.85 -8.03
CA PRO A 406 -22.66 1.86 -8.94
C PRO A 406 -24.19 1.92 -8.79
N LEU A 407 -24.82 2.90 -9.43
CA LEU A 407 -26.27 3.20 -9.25
C LEU A 407 -27.11 2.00 -9.72
N ASP A 408 -26.58 1.20 -10.66
CA ASP A 408 -27.24 -0.03 -11.19
C ASP A 408 -26.17 -0.81 -11.98
N ASP A 409 -26.57 -1.80 -12.77
CA ASP A 409 -25.60 -2.79 -13.31
C ASP A 409 -25.23 -2.44 -14.75
N ARG A 410 -25.78 -1.37 -15.32
CA ARG A 410 -25.29 -0.90 -16.65
C ARG A 410 -23.77 -0.72 -16.53
N PHE A 411 -23.30 -0.34 -15.33
CA PHE A 411 -21.87 -0.06 -15.01
C PHE A 411 -20.97 -1.21 -15.49
N ALA A 412 -21.46 -2.45 -15.39
CA ALA A 412 -20.71 -3.69 -15.68
C ALA A 412 -20.24 -3.74 -17.14
N SER A 413 -20.93 -3.08 -18.06
CA SER A 413 -20.61 -3.14 -19.51
C SER A 413 -20.12 -1.79 -20.03
N ALA A 414 -19.91 -0.82 -19.12
CA ALA A 414 -19.39 0.52 -19.45
C ALA A 414 -17.86 0.46 -19.45
N LEU A 415 -17.25 0.12 -20.60
CA LEU A 415 -15.83 -0.27 -20.66
C LEU A 415 -15.02 0.61 -21.62
N THR A 416 -15.63 1.55 -22.35
CA THR A 416 -14.96 2.24 -23.47
C THR A 416 -13.99 3.27 -22.88
N ALA A 417 -14.48 4.11 -21.96
CA ALA A 417 -13.68 5.13 -21.25
C ALA A 417 -12.53 4.45 -20.49
N LEU A 418 -12.83 3.43 -19.69
CA LEU A 418 -11.84 2.71 -18.81
C LEU A 418 -10.70 2.14 -19.66
N ASN A 419 -11.03 1.43 -20.74
CA ASN A 419 -10.04 0.79 -21.66
C ASN A 419 -9.21 1.88 -22.36
N ASP A 420 -9.84 3.00 -22.72
CA ASP A 420 -9.18 4.12 -23.46
C ASP A 420 -8.22 4.91 -22.51
N MET A 421 -8.58 5.11 -21.24
CA MET A 421 -7.69 5.69 -20.20
C MET A 421 -6.48 4.77 -20.00
N GLY A 422 -6.59 3.51 -20.44
CA GLY A 422 -5.49 2.52 -20.41
C GLY A 422 -5.59 1.63 -19.18
N LYS A 423 -6.67 1.75 -18.40
CA LYS A 423 -6.83 1.05 -17.09
C LYS A 423 -7.50 -0.28 -17.38
N VAL A 424 -6.79 -1.13 -18.12
CA VAL A 424 -7.31 -2.41 -18.67
C VAL A 424 -7.50 -3.38 -17.49
N ARG A 425 -8.69 -3.97 -17.37
CA ARG A 425 -9.01 -4.93 -16.30
C ARG A 425 -8.18 -6.21 -16.50
N LYS A 426 -7.90 -6.92 -15.39
CA LYS A 426 -7.06 -8.14 -15.31
C LYS A 426 -7.96 -9.38 -15.34
N ASP A 427 -7.53 -10.44 -16.06
CA ASP A 427 -8.15 -11.79 -16.12
C ASP A 427 -9.60 -11.72 -16.63
N ILE A 428 -9.84 -10.94 -17.68
CA ILE A 428 -11.13 -10.89 -18.42
C ILE A 428 -10.84 -10.29 -19.80
N GLN A 429 -11.58 -10.72 -20.83
CA GLN A 429 -11.47 -10.17 -22.20
C GLN A 429 -11.81 -8.68 -22.13
N GLN A 430 -11.14 -7.87 -22.96
CA GLN A 430 -11.18 -6.40 -22.88
C GLN A 430 -12.62 -5.89 -23.00
N TRP A 431 -13.52 -6.59 -23.69
CA TRP A 431 -14.90 -6.10 -23.96
C TRP A 431 -15.97 -7.01 -23.33
N GLU A 432 -15.56 -7.98 -22.50
CA GLU A 432 -16.47 -8.86 -21.72
C GLU A 432 -16.88 -8.13 -20.44
N PRO A 433 -18.20 -8.07 -20.10
CA PRO A 433 -18.68 -7.30 -18.96
C PRO A 433 -18.14 -7.81 -17.62
N SER A 434 -17.73 -6.87 -16.77
CA SER A 434 -17.35 -7.13 -15.36
C SER A 434 -18.46 -7.97 -14.72
N ARG A 435 -18.06 -8.96 -13.91
CA ARG A 435 -18.98 -9.77 -13.07
C ARG A 435 -18.98 -9.18 -11.65
N GLY A 436 -20.18 -8.87 -11.13
CA GLY A 436 -20.36 -8.23 -9.81
C GLY A 436 -20.38 -9.23 -8.66
N TRP A 437 -20.56 -8.72 -7.44
CA TRP A 437 -20.65 -9.46 -6.16
C TRP A 437 -21.95 -9.03 -5.47
N ASN A 438 -22.71 -9.97 -4.89
CA ASN A 438 -24.10 -9.68 -4.44
C ASN A 438 -24.14 -9.38 -2.93
N ASP A 439 -22.96 -9.40 -2.30
CA ASP A 439 -22.78 -9.71 -0.86
C ASP A 439 -21.44 -9.11 -0.43
N TRP A 440 -21.46 -8.02 0.34
CA TRP A 440 -20.25 -7.26 0.79
C TRP A 440 -19.23 -8.20 1.46
N THR A 441 -19.67 -9.32 2.03
CA THR A 441 -18.81 -10.32 2.72
C THR A 441 -18.05 -11.25 1.74
N GLN A 442 -18.22 -11.03 0.43
CA GLN A 442 -17.52 -11.77 -0.65
C GLN A 442 -16.57 -10.85 -1.42
N VAL A 443 -16.91 -9.56 -1.53
CA VAL A 443 -16.06 -8.50 -2.18
C VAL A 443 -14.62 -8.61 -1.67
N PRO A 444 -13.61 -8.81 -2.56
CA PRO A 444 -12.21 -8.62 -2.18
C PRO A 444 -11.79 -7.14 -2.16
N PHE A 445 -11.01 -6.75 -1.13
CA PHE A 445 -10.47 -5.38 -0.92
C PHE A 445 -9.22 -5.40 -0.03
N CYS A 446 -8.09 -4.92 -0.55
CA CYS A 446 -6.77 -4.76 0.14
C CYS A 446 -6.27 -6.12 0.62
N SER A 447 -6.47 -7.15 -0.20
CA SER A 447 -6.00 -8.53 0.02
C SER A 447 -6.89 -9.23 1.05
N HIS A 448 -8.05 -8.65 1.37
CA HIS A 448 -8.93 -9.15 2.46
C HIS A 448 -10.37 -9.38 1.98
N HIS A 449 -11.10 -10.12 2.81
CA HIS A 449 -12.58 -10.23 2.79
C HIS A 449 -13.04 -10.00 4.23
N PHE A 450 -14.32 -9.79 4.43
CA PHE A 450 -14.86 -9.28 5.72
C PHE A 450 -16.02 -10.17 6.16
N HIS A 451 -16.04 -10.57 7.43
CA HIS A 451 -17.11 -11.41 8.03
C HIS A 451 -17.95 -10.56 8.99
N GLU A 452 -19.25 -10.81 9.05
CA GLU A 452 -20.14 -10.27 10.11
C GLU A 452 -20.19 -11.28 11.25
N LEU A 453 -19.69 -10.87 12.42
CA LEU A 453 -19.45 -11.76 13.57
C LEU A 453 -20.23 -11.18 14.74
N ILE A 454 -21.08 -11.98 15.38
CA ILE A 454 -22.06 -11.45 16.37
C ILE A 454 -21.61 -11.91 17.75
N MET A 455 -21.29 -10.93 18.61
CA MET A 455 -20.74 -11.17 19.97
C MET A 455 -21.82 -11.84 20.81
N LYS A 456 -21.42 -12.59 21.83
N LYS A 456 -21.39 -12.60 21.83
CA LYS A 456 -22.35 -13.35 22.72
CA LYS A 456 -22.26 -13.33 22.79
C LYS A 456 -23.30 -12.38 23.45
C LYS A 456 -23.30 -12.38 23.38
N ASP A 457 -23.00 -11.08 23.44
CA ASP A 457 -23.91 -10.02 23.98
C ASP A 457 -24.64 -9.23 22.87
N GLY A 458 -24.63 -9.70 21.61
CA GLY A 458 -25.48 -9.19 20.52
C GLY A 458 -24.83 -8.08 19.69
N ARG A 459 -23.85 -7.38 20.25
CA ARG A 459 -23.06 -6.37 19.51
C ARG A 459 -22.44 -7.05 18.28
N VAL A 460 -22.15 -6.28 17.25
CA VAL A 460 -21.77 -6.82 15.91
C VAL A 460 -20.40 -6.25 15.55
N LEU A 461 -19.38 -7.11 15.55
CA LEU A 461 -18.03 -6.83 14.96
C LEU A 461 -18.10 -7.13 13.46
N VAL A 462 -17.39 -6.33 12.67
CA VAL A 462 -17.06 -6.68 11.27
C VAL A 462 -15.54 -6.80 11.18
N VAL A 463 -15.06 -8.00 10.87
CA VAL A 463 -13.67 -8.44 11.14
C VAL A 463 -12.99 -8.73 9.80
N PRO A 464 -11.71 -8.38 9.62
CA PRO A 464 -11.02 -8.67 8.37
C PRO A 464 -10.52 -10.12 8.37
N CYS A 465 -10.24 -10.66 7.18
CA CYS A 465 -9.90 -12.10 6.99
C CYS A 465 -9.14 -12.28 5.70
N ARG A 466 -8.34 -13.34 5.62
CA ARG A 466 -7.81 -13.88 4.34
C ARG A 466 -7.28 -15.29 4.56
N ASN A 467 -6.96 -16.00 3.48
CA ASN A 467 -6.50 -17.40 3.60
C ASN A 467 -5.38 -17.45 4.67
N GLN A 468 -5.61 -18.22 5.73
CA GLN A 468 -4.70 -18.31 6.88
C GLN A 468 -3.33 -18.82 6.46
N ASP A 469 -3.21 -19.56 5.34
CA ASP A 469 -1.87 -19.94 4.81
C ASP A 469 -1.09 -18.67 4.47
N GLU A 470 -1.76 -17.66 3.92
CA GLU A 470 -1.13 -16.35 3.56
C GLU A 470 -0.57 -15.70 4.83
N LEU A 471 -1.38 -15.62 5.89
CA LEU A 471 -1.06 -14.91 7.14
C LEU A 471 0.12 -15.60 7.83
N ILE A 472 0.13 -16.93 7.85
CA ILE A 472 1.19 -17.70 8.55
C ILE A 472 2.49 -17.66 7.73
N GLY A 473 2.43 -17.75 6.39
CA GLY A 473 3.60 -17.64 5.49
C GLY A 473 4.29 -16.28 5.57
N ARG A 474 3.54 -15.20 5.80
CA ARG A 474 4.08 -13.82 5.91
C ARG A 474 4.80 -13.64 7.25
N ALA A 475 4.17 -14.10 8.34
CA ALA A 475 4.72 -14.04 9.72
C ALA A 475 6.02 -14.83 9.79
N ARG A 476 6.21 -15.80 8.91
CA ARG A 476 7.40 -16.70 8.95
C ARG A 476 8.56 -16.08 8.16
N ILE A 477 8.39 -14.86 7.63
CA ILE A 477 9.43 -14.19 6.80
C ILE A 477 9.92 -12.93 7.52
N SER A 478 11.25 -12.76 7.56
N SER A 478 11.25 -12.77 7.60
CA SER A 478 11.96 -11.61 8.16
CA SER A 478 11.93 -11.58 8.17
C SER A 478 12.89 -10.98 7.11
C SER A 478 12.89 -10.99 7.12
N GLN A 479 12.42 -9.95 6.40
CA GLN A 479 13.20 -9.25 5.35
C GLN A 479 14.41 -8.54 5.96
N GLY A 480 15.62 -9.09 5.75
CA GLY A 480 16.90 -8.43 6.07
C GLY A 480 17.99 -9.36 6.56
N ALA A 481 19.24 -8.89 6.48
CA ALA A 481 20.47 -9.57 6.94
C ALA A 481 20.82 -9.10 8.35
N GLY A 482 21.38 -10.00 9.17
CA GLY A 482 22.06 -9.69 10.44
C GLY A 482 21.12 -9.42 11.59
N TRP A 483 20.01 -10.14 11.68
CA TRP A 483 19.04 -10.02 12.81
C TRP A 483 19.55 -10.85 13.99
N SER A 484 19.49 -10.28 15.19
CA SER A 484 19.77 -10.98 16.46
C SER A 484 18.58 -11.88 16.80
N LEU A 485 18.78 -12.88 17.66
CA LEU A 485 17.70 -13.74 18.18
C LEU A 485 16.61 -12.86 18.83
N ARG A 486 17.02 -11.74 19.42
CA ARG A 486 16.11 -10.83 20.17
C ARG A 486 15.30 -9.97 19.19
N GLU A 487 15.91 -9.52 18.10
CA GLU A 487 15.21 -8.69 17.08
C GLU A 487 14.21 -9.58 16.33
N THR A 488 14.65 -10.79 15.92
CA THR A 488 13.79 -11.83 15.31
C THR A 488 12.56 -12.01 16.21
N ALA A 489 12.78 -12.30 17.49
CA ALA A 489 11.75 -12.63 18.51
C ALA A 489 10.73 -11.49 18.60
N CYS A 490 11.20 -10.25 18.44
CA CYS A 490 10.41 -9.01 18.60
C CYS A 490 9.55 -8.77 17.36
N LEU A 491 10.04 -9.17 16.18
CA LEU A 491 9.22 -9.13 14.95
C LEU A 491 8.06 -10.12 15.09
N GLY A 492 8.35 -11.36 15.46
CA GLY A 492 7.34 -12.41 15.72
C GLY A 492 6.22 -11.89 16.60
N LYS A 493 6.58 -11.16 17.65
CA LYS A 493 5.65 -10.56 18.65
C LYS A 493 4.80 -9.45 18.00
N SER A 494 5.32 -8.75 16.99
CA SER A 494 4.53 -7.76 16.21
C SER A 494 3.41 -8.49 15.47
N TYR A 495 3.73 -9.61 14.84
CA TYR A 495 2.77 -10.43 14.04
C TYR A 495 1.71 -10.99 14.98
N ALA A 496 2.16 -11.57 16.09
CA ALA A 496 1.34 -12.17 17.15
C ALA A 496 0.33 -11.14 17.67
N GLN A 497 0.81 -9.92 17.92
CA GLN A 497 -0.01 -8.83 18.52
C GLN A 497 -1.02 -8.37 17.47
N MET A 498 -0.63 -8.32 16.20
CA MET A 498 -1.55 -8.03 15.07
C MET A 498 -2.63 -9.12 14.96
N TRP A 499 -2.24 -10.40 14.98
CA TRP A 499 -3.22 -11.52 14.89
C TRP A 499 -4.28 -11.34 15.99
N SER A 500 -3.83 -11.10 17.23
N SER A 500 -3.85 -11.10 17.22
CA SER A 500 -4.70 -10.91 18.42
CA SER A 500 -4.72 -10.92 18.42
C SER A 500 -5.65 -9.71 18.21
C SER A 500 -5.65 -9.71 18.21
N LEU A 501 -5.23 -8.71 17.43
CA LEU A 501 -6.02 -7.48 17.22
C LEU A 501 -6.98 -7.65 16.02
N MET A 502 -6.49 -8.22 14.91
CA MET A 502 -7.22 -8.22 13.61
C MET A 502 -7.87 -9.58 13.34
N TYR A 503 -7.17 -10.66 13.66
CA TYR A 503 -7.49 -12.05 13.25
C TYR A 503 -7.76 -12.96 14.46
N PHE A 504 -8.26 -12.40 15.56
CA PHE A 504 -8.59 -13.09 16.84
C PHE A 504 -9.71 -14.12 16.65
N HIS A 505 -10.52 -13.95 15.61
CA HIS A 505 -11.74 -14.77 15.31
C HIS A 505 -11.34 -16.09 14.66
N ARG A 506 -10.07 -16.23 14.28
CA ARG A 506 -9.49 -17.45 13.67
C ARG A 506 -8.84 -18.22 14.81
N ARG A 507 -9.23 -19.48 15.03
CA ARG A 507 -8.81 -20.26 16.22
C ARG A 507 -7.28 -20.47 16.20
N ASP A 508 -6.70 -20.83 15.05
CA ASP A 508 -5.24 -21.16 14.97
C ASP A 508 -4.40 -19.90 15.27
N LEU A 509 -4.91 -18.72 14.90
CA LEU A 509 -4.15 -17.45 14.98
C LEU A 509 -4.22 -16.94 16.43
N ARG A 510 -5.36 -17.11 17.14
CA ARG A 510 -5.47 -16.73 18.56
C ARG A 510 -4.49 -17.57 19.37
N LEU A 511 -4.52 -18.90 19.18
CA LEU A 511 -3.65 -19.84 19.93
C LEU A 511 -2.19 -19.54 19.63
N ALA A 512 -1.81 -19.45 18.35
CA ALA A 512 -0.41 -19.23 17.93
C ALA A 512 0.11 -17.86 18.43
N ALA A 513 -0.78 -16.88 18.62
CA ALA A 513 -0.41 -15.53 19.10
C ALA A 513 -0.11 -15.60 20.59
N ASN A 514 -1.02 -16.20 21.36
CA ASN A 514 -0.82 -16.54 22.79
C ASN A 514 0.50 -17.31 22.94
N ALA A 515 0.78 -18.26 22.05
CA ALA A 515 2.01 -19.09 22.16
C ALA A 515 3.25 -18.21 21.95
N ILE A 516 3.22 -17.29 20.99
CA ILE A 516 4.43 -16.49 20.63
C ILE A 516 4.68 -15.47 21.75
N CYS A 517 3.61 -14.82 22.24
CA CYS A 517 3.67 -13.83 23.35
C CYS A 517 4.06 -14.49 24.68
N SER A 518 3.79 -15.78 24.84
CA SER A 518 4.23 -16.57 26.00
C SER A 518 5.72 -16.87 25.87
N ALA A 519 6.24 -16.93 24.64
CA ALA A 519 7.58 -17.45 24.30
C ALA A 519 8.58 -16.29 24.13
N VAL A 520 8.09 -15.07 24.05
CA VAL A 520 8.92 -13.84 23.94
C VAL A 520 8.84 -13.13 25.30
N PRO A 521 9.98 -12.67 25.85
CA PRO A 521 9.98 -11.96 27.13
C PRO A 521 8.89 -10.88 27.18
N SER A 522 8.01 -10.97 28.18
N SER A 522 8.02 -10.97 28.19
CA SER A 522 6.80 -10.12 28.38
CA SER A 522 6.81 -10.13 28.40
C SER A 522 7.09 -8.65 28.06
C SER A 522 7.09 -8.65 28.08
N HIS A 523 8.25 -8.13 28.48
CA HIS A 523 8.60 -6.69 28.35
C HIS A 523 9.28 -6.33 27.02
N TRP A 524 9.83 -7.29 26.27
CA TRP A 524 10.49 -7.02 24.96
C TRP A 524 9.48 -6.36 24.03
N VAL A 525 9.94 -5.40 23.23
CA VAL A 525 9.06 -4.48 22.46
C VAL A 525 8.98 -5.02 21.04
N PRO A 526 7.77 -5.03 20.43
CA PRO A 526 7.60 -5.32 19.00
C PRO A 526 8.37 -4.40 18.03
N THR A 527 9.01 -4.96 17.00
CA THR A 527 9.70 -4.20 15.91
C THR A 527 9.09 -4.54 14.55
N SER A 528 9.47 -3.76 13.52
CA SER A 528 8.90 -3.76 12.15
C SER A 528 9.74 -2.83 11.25
N ARG A 529 10.34 -3.37 10.18
CA ARG A 529 11.42 -2.68 9.40
C ARG A 529 10.87 -1.92 8.18
N THR A 530 9.57 -2.02 7.87
CA THR A 530 8.86 -1.13 6.89
C THR A 530 7.43 -0.89 7.38
N THR A 531 7.25 0.00 8.37
CA THR A 531 5.98 0.24 9.12
C THR A 531 4.89 0.67 8.14
N ALA A 536 -0.85 0.93 7.37
CA ALA A 536 -2.24 1.04 7.87
C ALA A 536 -2.25 1.91 9.15
N THR A 537 -3.09 1.57 10.14
CA THR A 537 -2.95 2.01 11.56
C THR A 537 -2.48 0.79 12.37
N HIS A 538 -1.31 0.90 12.99
N HIS A 538 -1.29 0.89 12.97
CA HIS A 538 -0.57 -0.21 13.65
CA HIS A 538 -0.56 -0.22 13.66
C HIS A 538 -0.66 -0.07 15.19
C HIS A 538 -0.67 -0.06 15.18
N GLU A 539 -1.87 -0.27 15.74
CA GLU A 539 -2.13 -0.19 17.21
C GLU A 539 -1.59 -1.42 17.94
N TRP A 540 -1.17 -2.45 17.21
CA TRP A 540 -0.53 -3.66 17.78
C TRP A 540 0.94 -3.39 18.11
N MET A 541 1.47 -2.21 17.72
CA MET A 541 2.88 -1.79 18.00
C MET A 541 2.91 -1.04 19.34
N THR A 542 3.03 -1.80 20.43
CA THR A 542 2.90 -1.35 21.85
C THR A 542 3.26 -2.52 22.78
N THR A 543 3.52 -2.21 24.05
CA THR A 543 3.80 -3.19 25.14
C THR A 543 2.63 -3.28 26.13
N GLU A 544 1.51 -2.62 25.79
CA GLU A 544 0.29 -2.55 26.63
C GLU A 544 -0.45 -3.88 26.59
N ASP A 545 -1.29 -4.16 27.59
CA ASP A 545 -2.16 -5.37 27.66
C ASP A 545 -3.04 -5.40 26.41
N MET A 546 -3.00 -6.49 25.65
CA MET A 546 -3.64 -6.58 24.30
C MET A 546 -5.17 -6.56 24.43
N LEU A 547 -5.72 -7.14 25.51
CA LEU A 547 -7.19 -7.11 25.76
C LEU A 547 -7.62 -5.65 25.96
N THR A 548 -6.74 -4.79 26.48
CA THR A 548 -7.03 -3.35 26.70
C THR A 548 -7.03 -2.61 25.34
N VAL A 549 -6.05 -2.91 24.47
CA VAL A 549 -6.03 -2.40 23.06
C VAL A 549 -7.30 -2.86 22.34
N TRP A 550 -7.70 -4.12 22.51
CA TRP A 550 -8.89 -4.68 21.82
C TRP A 550 -10.10 -3.84 22.20
N ASN A 551 -10.30 -3.60 23.49
CA ASN A 551 -11.45 -2.78 23.97
C ASN A 551 -11.37 -1.36 23.39
N ARG A 552 -10.17 -0.79 23.26
CA ARG A 552 -10.01 0.59 22.71
C ARG A 552 -10.47 0.58 21.24
N VAL A 553 -9.83 -0.28 20.44
CA VAL A 553 -9.96 -0.37 18.96
C VAL A 553 -11.39 -0.80 18.58
N TRP A 554 -11.93 -1.83 19.24
CA TRP A 554 -13.16 -2.53 18.80
C TRP A 554 -14.39 -2.01 19.56
N ILE A 555 -14.24 -1.47 20.78
CA ILE A 555 -15.40 -0.94 21.56
C ILE A 555 -15.32 0.59 21.65
N GLN A 556 -14.28 1.12 22.29
CA GLN A 556 -14.15 2.56 22.61
C GLN A 556 -14.13 3.38 21.32
N GLU A 557 -13.07 3.23 20.51
CA GLU A 557 -12.77 4.12 19.36
C GLU A 557 -13.58 3.75 18.11
N ASN A 558 -14.44 2.73 18.17
CA ASN A 558 -15.22 2.16 17.03
C ASN A 558 -16.55 2.92 16.90
N PRO A 559 -16.74 3.76 15.84
CA PRO A 559 -17.97 4.52 15.67
C PRO A 559 -19.22 3.72 15.28
N TRP A 560 -19.06 2.43 14.94
CA TRP A 560 -20.19 1.54 14.56
C TRP A 560 -20.77 0.81 15.77
N MET A 561 -20.16 0.99 16.94
CA MET A 561 -20.59 0.40 18.24
C MET A 561 -21.24 1.51 19.09
N GLU A 562 -22.52 1.39 19.39
CA GLU A 562 -23.33 2.40 20.13
C GLU A 562 -23.25 2.13 21.64
N ASP A 563 -22.98 0.88 22.03
CA ASP A 563 -22.82 0.46 23.45
C ASP A 563 -21.34 0.14 23.70
N LYS A 564 -20.72 0.89 24.61
CA LYS A 564 -19.25 0.93 24.81
C LYS A 564 -18.88 0.18 26.10
N THR A 565 -19.69 -0.80 26.49
CA THR A 565 -19.41 -1.73 27.61
C THR A 565 -18.11 -2.47 27.33
N PRO A 566 -17.04 -2.31 28.15
CA PRO A 566 -15.82 -3.07 27.92
C PRO A 566 -16.07 -4.58 27.87
N VAL A 567 -15.12 -5.33 27.30
CA VAL A 567 -15.08 -6.81 27.39
C VAL A 567 -14.05 -7.16 28.47
N GLU A 568 -14.37 -8.13 29.33
CA GLU A 568 -13.64 -8.35 30.62
C GLU A 568 -12.53 -9.40 30.42
N SER A 569 -12.74 -10.41 29.57
CA SER A 569 -11.73 -11.44 29.23
C SER A 569 -11.89 -11.88 27.76
N TRP A 570 -10.90 -12.63 27.26
CA TRP A 570 -10.78 -13.06 25.84
C TRP A 570 -11.90 -14.05 25.46
N GLU A 571 -12.60 -14.67 26.41
CA GLU A 571 -13.66 -15.67 26.08
C GLU A 571 -14.98 -14.97 25.76
N GLU A 572 -15.13 -13.69 26.12
CA GLU A 572 -16.28 -12.84 25.68
C GLU A 572 -16.20 -12.59 24.17
N ILE A 573 -15.00 -12.70 23.61
CA ILE A 573 -14.67 -12.35 22.19
C ILE A 573 -14.86 -13.57 21.29
N PRO A 574 -15.85 -13.52 20.37
CA PRO A 574 -16.26 -14.70 19.61
C PRO A 574 -15.28 -15.14 18.51
N TYR A 575 -15.42 -16.39 18.04
CA TYR A 575 -14.76 -16.91 16.81
C TYR A 575 -15.76 -16.92 15.65
N LEU A 576 -15.23 -16.94 14.42
CA LEU A 576 -15.97 -17.43 13.23
C LEU A 576 -16.56 -18.80 13.60
N GLY A 577 -17.58 -19.25 12.86
CA GLY A 577 -18.06 -20.64 12.92
C GLY A 577 -16.94 -21.61 12.57
N LYS A 578 -16.99 -22.83 13.13
CA LYS A 578 -15.91 -23.82 12.95
C LYS A 578 -15.72 -24.08 11.45
N ARG A 579 -16.81 -24.12 10.65
CA ARG A 579 -16.77 -24.44 9.21
C ARG A 579 -16.24 -23.23 8.43
N GLU A 580 -16.72 -22.01 8.73
CA GLU A 580 -16.15 -20.72 8.22
C GLU A 580 -14.63 -20.72 8.44
N ASP A 581 -14.16 -21.11 9.64
CA ASP A 581 -12.72 -21.10 9.99
C ASP A 581 -11.97 -22.06 9.07
N GLN A 582 -12.56 -23.23 8.77
CA GLN A 582 -11.97 -24.28 7.90
C GLN A 582 -11.97 -23.79 6.44
N TRP A 583 -13.09 -23.22 5.98
CA TRP A 583 -13.16 -22.60 4.64
C TRP A 583 -12.01 -21.60 4.44
N CYS A 584 -11.64 -20.84 5.47
CA CYS A 584 -10.61 -19.78 5.32
C CYS A 584 -9.23 -20.31 5.74
N GLY A 585 -9.04 -21.64 5.81
CA GLY A 585 -7.72 -22.30 5.82
C GLY A 585 -7.35 -22.91 7.16
N SER A 586 -8.22 -22.82 8.17
CA SER A 586 -7.93 -23.35 9.52
C SER A 586 -7.55 -24.83 9.43
N LEU A 587 -6.61 -25.29 10.25
CA LEU A 587 -6.26 -26.74 10.37
C LEU A 587 -7.08 -27.38 11.49
N ILE A 588 -8.07 -26.65 12.04
CA ILE A 588 -8.96 -27.22 13.10
C ILE A 588 -9.61 -28.50 12.53
N GLY A 589 -9.54 -29.61 13.26
CA GLY A 589 -10.06 -30.92 12.82
C GLY A 589 -8.95 -31.87 12.44
N LEU A 590 -7.78 -31.37 12.00
CA LEU A 590 -6.63 -32.20 11.60
C LEU A 590 -5.91 -32.75 12.83
N THR A 591 -5.26 -33.90 12.65
CA THR A 591 -4.50 -34.65 13.68
C THR A 591 -3.30 -33.78 14.09
N SER A 592 -2.48 -33.37 13.12
CA SER A 592 -1.25 -32.56 13.35
C SER A 592 -1.53 -31.31 14.21
N ARG A 593 -2.69 -30.67 14.02
CA ARG A 593 -3.06 -29.43 14.76
C ARG A 593 -3.51 -29.77 16.17
N ALA A 594 -4.26 -30.86 16.34
CA ALA A 594 -4.73 -31.31 17.68
C ALA A 594 -3.51 -31.64 18.56
N THR A 595 -2.50 -32.33 18.01
CA THR A 595 -1.20 -32.58 18.69
C THR A 595 -0.57 -31.24 19.10
N TRP A 596 -0.38 -30.36 18.12
CA TRP A 596 0.25 -29.02 18.29
C TRP A 596 -0.41 -28.27 19.45
N ALA A 597 -1.74 -28.22 19.50
CA ALA A 597 -2.49 -27.44 20.52
C ALA A 597 -2.34 -28.09 21.89
N LYS A 598 -2.56 -29.41 21.96
CA LYS A 598 -2.45 -30.23 23.19
C LYS A 598 -1.06 -30.03 23.82
N ASN A 599 -0.01 -30.06 23.00
CA ASN A 599 1.41 -30.01 23.45
C ASN A 599 2.04 -28.63 23.21
N ILE A 600 1.30 -27.53 23.33
CA ILE A 600 1.78 -26.17 22.91
C ILE A 600 2.83 -25.63 23.89
N GLN A 601 2.69 -25.96 25.18
N GLN A 601 2.70 -25.93 25.19
CA GLN A 601 3.59 -25.49 26.27
CA GLN A 601 3.62 -25.43 26.25
C GLN A 601 5.00 -26.07 26.09
C GLN A 601 5.01 -26.06 26.07
N THR A 602 5.13 -27.16 25.32
CA THR A 602 6.44 -27.78 25.01
C THR A 602 7.16 -27.03 23.88
N ALA A 603 6.41 -26.47 22.94
CA ALA A 603 6.98 -25.66 21.85
C ALA A 603 7.37 -24.31 22.44
N ILE A 604 6.49 -23.74 23.27
CA ILE A 604 6.75 -22.47 24.00
C ILE A 604 8.09 -22.59 24.75
N ASN A 605 8.31 -23.71 25.44
CA ASN A 605 9.54 -23.98 26.27
C ASN A 605 10.78 -24.12 25.37
N GLN A 606 10.67 -24.73 24.20
CA GLN A 606 11.83 -24.90 23.29
C GLN A 606 12.39 -23.51 22.98
N VAL A 607 11.51 -22.54 22.75
CA VAL A 607 11.84 -21.16 22.30
C VAL A 607 12.42 -20.40 23.51
N ARG A 608 11.73 -20.48 24.67
CA ARG A 608 12.21 -19.93 25.96
C ARG A 608 13.65 -20.39 26.23
N SER A 609 13.98 -21.64 25.92
CA SER A 609 15.34 -22.20 26.18
C SER A 609 16.37 -21.68 25.16
N LEU A 610 15.98 -21.37 23.92
CA LEU A 610 16.94 -20.84 22.91
C LEU A 610 17.29 -19.39 23.26
N ILE A 611 16.30 -18.63 23.72
CA ILE A 611 16.41 -17.19 24.02
C ILE A 611 17.23 -17.03 25.30
N GLY A 612 16.75 -17.62 26.42
CA GLY A 612 17.48 -17.76 27.69
C GLY A 612 16.58 -17.61 28.92
N ASN A 613 17.19 -17.49 30.11
CA ASN A 613 16.51 -17.12 31.38
C ASN A 613 16.18 -15.63 31.33
N GLU A 614 14.91 -15.28 31.07
CA GLU A 614 14.37 -13.90 31.04
C GLU A 614 13.02 -13.92 31.77
N GLU A 615 12.31 -12.80 31.87
CA GLU A 615 10.99 -12.76 32.54
C GLU A 615 9.90 -12.99 31.49
N TYR A 616 9.17 -14.10 31.59
CA TYR A 616 8.13 -14.57 30.62
C TYR A 616 6.77 -14.68 31.30
N THR A 617 5.70 -14.26 30.59
CA THR A 617 4.28 -14.46 30.99
C THR A 617 3.70 -15.67 30.23
N ASP A 618 2.87 -16.48 30.90
CA ASP A 618 2.07 -17.57 30.27
C ASP A 618 0.70 -16.97 29.90
N TYR A 619 0.37 -16.96 28.60
CA TYR A 619 -0.86 -16.32 28.05
C TYR A 619 -1.92 -17.38 27.67
N MET A 620 -1.56 -18.67 27.73
CA MET A 620 -2.42 -19.79 27.27
C MET A 620 -3.65 -19.93 28.18
N PRO A 621 -3.58 -19.68 29.52
CA PRO A 621 -4.78 -19.66 30.35
C PRO A 621 -5.82 -18.60 29.97
N SER A 622 -5.49 -17.67 29.06
CA SER A 622 -6.44 -16.66 28.49
C SER A 622 -7.50 -17.34 27.62
N MET A 623 -7.17 -18.53 27.08
CA MET A 623 -8.09 -19.39 26.29
C MET A 623 -8.83 -20.36 27.22
N LYS A 624 -10.05 -20.75 26.84
CA LYS A 624 -10.92 -21.63 27.66
C LYS A 624 -10.27 -22.98 27.97
N ARG A 625 -9.85 -23.70 26.92
CA ARG A 625 -9.35 -25.11 27.03
C ARG A 625 -8.11 -25.18 27.92
N PHE A 626 -7.21 -24.20 27.81
CA PHE A 626 -5.93 -24.22 28.56
C PHE A 626 -6.18 -23.71 29.99
N ARG A 627 -7.22 -22.89 30.19
CA ARG A 627 -7.59 -22.38 31.55
C ARG A 627 -7.91 -23.61 32.42
N ARG A 628 -6.88 -24.38 32.75
CA ARG A 628 -6.94 -25.75 33.36
C ARG A 628 -7.66 -26.70 32.40
ZN ZN B . -12.62 -15.46 6.06
ZN ZN C . 16.52 17.05 -9.06
O1 MES D . 17.91 -19.16 16.70
O1 MES D . 17.60 -19.13 16.38
C2 MES D . 18.53 -20.34 16.20
C2 MES D . 18.07 -20.40 15.99
C3 MES D . 17.91 -20.77 14.90
C3 MES D . 17.12 -21.07 15.03
N4 MES D . 16.44 -20.99 15.06
N4 MES D . 15.76 -21.19 15.63
C5 MES D . 15.82 -19.77 15.68
C5 MES D . 15.31 -19.85 16.10
C6 MES D . 16.54 -19.42 16.95
C6 MES D . 16.34 -19.25 17.02
C7 MES D . 15.78 -21.31 13.75
C7 MES D . 14.77 -21.80 14.69
C8 MES D . 14.52 -22.14 13.91
C8 MES D . 15.22 -21.69 13.25
S MES D . 13.89 -22.72 12.34
S MES D . 14.33 -22.81 12.17
O1S MES D . 14.07 -24.14 12.36
O1S MES D . 14.04 -23.97 12.96
O2S MES D . 12.51 -22.34 12.31
O2S MES D . 13.14 -22.10 11.79
O3S MES D . 14.68 -22.07 11.34
O3S MES D . 15.21 -23.08 11.07
S DMS E . -1.81 -12.24 24.25
O DMS E . -3.06 -11.41 24.24
C1 DMS E . -0.48 -11.08 24.29
C2 DMS E . -1.57 -12.79 22.58
S DMS F . -15.49 -18.80 23.40
O DMS F . -15.04 -17.52 22.75
C1 DMS F . -14.02 -19.59 24.01
C2 DMS F . -15.85 -19.93 22.08
S DMS G . 3.92 -6.20 11.16
O DMS G . 3.29 -4.86 11.37
C1 DMS G . 3.28 -6.77 9.60
C2 DMS G . 3.02 -7.29 12.21
C1 PEG H . 0.35 3.57 18.33
O1 PEG H . -0.80 4.33 18.66
C2 PEG H . 1.20 4.24 17.28
O2 PEG H . 2.32 3.41 16.98
C3 PEG H . 3.28 4.02 16.13
C4 PEG H . 2.90 3.81 14.70
O4 PEG H . 3.98 3.36 13.88
P PO4 I . -10.02 -5.57 -5.74
O1 PO4 I . -10.80 -6.72 -6.41
O2 PO4 I . -9.89 -4.43 -6.72
O3 PO4 I . -10.76 -5.09 -4.49
O4 PO4 I . -8.64 -6.11 -5.35
P PO4 J . 0.38 25.18 -13.71
O1 PO4 J . 1.37 24.12 -14.21
O2 PO4 J . -0.86 25.20 -14.61
O3 PO4 J . -0.04 24.86 -12.28
O4 PO4 J . 1.02 26.56 -13.73
C1 PEG K . -19.11 7.04 9.59
O1 PEG K . -17.87 6.92 10.26
C2 PEG K . -20.27 7.10 10.53
O2 PEG K . -20.33 5.91 11.30
C3 PEG K . -21.21 5.99 12.41
C4 PEG K . -22.39 5.07 12.20
O4 PEG K . -22.95 4.61 13.40
C4 A1BDH L . -14.47 -10.79 -14.00
C5 A1BDH L . -13.18 -11.55 -14.25
C6 A1BDH L . -12.03 -10.58 -14.00
C7 A1BDH L . -12.66 -9.23 -13.74
N A1BDH L . -15.35 -10.19 -11.19
C A1BDH L . -14.34 -11.86 -9.79
O A1BDH L . -16.64 -11.20 -9.67
C1 A1BDH L . -15.54 -11.06 -10.20
C2 A1BDH L . -14.06 -9.75 -11.70
C3 A1BDH L . -14.05 -9.55 -13.20
O1 A1BDH L . -14.94 -8.46 -13.53
#